data_1TAB
#
_entry.id   1TAB
#
_cell.length_a   55.420
_cell.length_b   55.420
_cell.length_c   181.720
_cell.angle_alpha   90.00
_cell.angle_beta   90.00
_cell.angle_gamma   90.00
#
_symmetry.space_group_name_H-M   'P 41 21 2'
#
loop_
_entity.id
_entity.type
_entity.pdbx_description
1 polymer TRYPSIN
2 polymer 'BOWMAN-BIRK TYPE PROTEINASE INHIBITOR'
3 water water
#
loop_
_entity_poly.entity_id
_entity_poly.type
_entity_poly.pdbx_seq_one_letter_code
_entity_poly.pdbx_strand_id
1 'polypeptide(L)'
;IVGGYTCGANTVPYQVSLNSGYHFCGGSLINSQWVVSAAHCYKSGIQVRLGEDNINVVEGNEQFISASKSIVHPSYNSNT
LNNDIMLIKLKSAASLNSRVASISLPTSCASAGTQCLISGWGNTKSSGTSYPDVLKCLKAPILSDSSCKSAYPGQITSNM
FCAGYLEGGKDSCQGDSGGPVVCSGKLQGIVSWGSGCAQKNKPGVYTKVCNYVSWIKQTIASN
;
E
2 'polypeptide(L)'
;SGHHDETTDEPSESSKPCCDQCSCTKSMPPKCRCSDIRLNSCHSACKSCACTYSIPAKCFCTDINDFCYEPCKSSRDDDW
DN
;
I
#
# COMPACT_ATOMS: atom_id res chain seq x y z
N ILE A 1 -4.92 8.09 -3.09
CA ILE A 1 -4.66 7.94 -4.49
C ILE A 1 -4.79 9.32 -5.11
N VAL A 2 -3.83 9.63 -5.96
CA VAL A 2 -3.73 10.87 -6.75
C VAL A 2 -3.92 10.54 -8.26
N GLY A 3 -4.88 11.27 -8.83
CA GLY A 3 -5.21 11.09 -10.25
C GLY A 3 -6.16 9.92 -10.45
N GLY A 4 -6.77 9.50 -9.33
CA GLY A 4 -7.70 8.37 -9.39
C GLY A 4 -9.16 8.84 -9.57
N TYR A 5 -10.03 7.90 -9.25
CA TYR A 5 -11.46 8.12 -9.35
C TYR A 5 -12.05 7.33 -8.19
N THR A 6 -13.24 7.67 -7.83
CA THR A 6 -14.05 7.08 -6.74
C THR A 6 -14.49 5.73 -7.29
N CYS A 7 -14.15 4.76 -6.51
CA CYS A 7 -14.46 3.41 -6.96
C CYS A 7 -15.91 3.17 -7.19
N GLY A 8 -16.62 3.41 -6.13
CA GLY A 8 -18.07 3.26 -5.95
C GLY A 8 -18.25 2.34 -4.69
N ALA A 9 -19.33 2.51 -4.00
CA ALA A 9 -19.65 1.69 -2.85
C ALA A 9 -19.28 0.26 -3.19
N ASN A 10 -18.66 -0.47 -2.30
CA ASN A 10 -18.29 -1.87 -2.52
C ASN A 10 -18.03 -2.27 -3.96
N THR A 11 -17.08 -1.61 -4.54
CA THR A 11 -16.71 -2.05 -5.96
C THR A 11 -15.45 -2.86 -5.68
N VAL A 12 -14.84 -2.64 -4.51
CA VAL A 12 -13.66 -3.22 -3.95
C VAL A 12 -13.92 -3.78 -2.53
N PRO A 13 -14.49 -4.96 -2.51
CA PRO A 13 -14.86 -5.60 -1.26
C PRO A 13 -13.79 -6.15 -0.45
N TYR A 14 -12.60 -6.33 -0.92
CA TYR A 14 -11.46 -6.88 -0.10
C TYR A 14 -10.70 -5.78 0.59
N GLN A 15 -10.95 -4.53 0.17
CA GLN A 15 -10.34 -3.33 0.75
C GLN A 15 -10.72 -3.19 2.23
N VAL A 16 -9.73 -3.05 3.07
CA VAL A 16 -9.97 -2.96 4.55
C VAL A 16 -9.33 -1.73 5.10
N SER A 17 -9.92 -1.13 6.13
CA SER A 17 -9.40 0.06 6.78
C SER A 17 -8.93 -0.29 8.21
N LEU A 18 -7.69 0.17 8.47
CA LEU A 18 -7.03 0.00 9.75
C LEU A 18 -7.23 1.28 10.58
N ASN A 19 -7.78 1.15 11.74
CA ASN A 19 -8.05 2.40 12.54
C ASN A 19 -7.46 2.20 13.89
N SER A 20 -6.68 3.11 14.33
CA SER A 20 -6.10 3.03 15.73
C SER A 20 -6.74 4.30 16.33
N GLY A 21 -8.01 4.54 15.98
CA GLY A 21 -8.58 5.80 16.52
C GLY A 21 -8.74 6.76 15.33
N TYR A 22 -8.04 6.49 14.23
CA TYR A 22 -8.09 7.29 12.98
C TYR A 22 -7.60 6.33 11.88
N HIS A 23 -7.99 6.53 10.63
CA HIS A 23 -7.51 5.58 9.59
C HIS A 23 -6.03 5.87 9.40
N PHE A 24 -5.18 4.88 9.36
CA PHE A 24 -3.74 5.15 9.15
C PHE A 24 -3.16 4.31 8.02
N CYS A 25 -3.92 3.25 7.69
CA CYS A 25 -3.49 2.35 6.63
C CYS A 25 -4.63 1.48 6.12
N GLY A 26 -4.28 0.95 4.94
CA GLY A 26 -5.21 0.04 4.18
C GLY A 26 -4.72 -1.38 4.45
N GLY A 27 -5.38 -2.33 3.89
CA GLY A 27 -5.06 -3.73 4.08
C GLY A 27 -5.87 -4.54 3.08
N SER A 28 -5.74 -5.83 3.13
CA SER A 28 -6.40 -6.77 2.23
C SER A 28 -6.84 -8.03 2.92
N LEU A 29 -8.08 -8.31 2.68
CA LEU A 29 -8.77 -9.53 3.17
C LEU A 29 -8.37 -10.64 2.21
N ILE A 30 -7.52 -11.52 2.70
CA ILE A 30 -7.06 -12.63 1.80
C ILE A 30 -7.90 -13.83 2.05
N ASN A 31 -8.57 -13.88 3.15
CA ASN A 31 -9.54 -14.83 3.71
C ASN A 31 -10.36 -14.10 4.81
N SER A 32 -11.16 -14.80 5.62
CA SER A 32 -12.02 -14.33 6.68
C SER A 32 -11.50 -14.06 8.09
N GLN A 33 -10.29 -14.44 8.48
CA GLN A 33 -9.76 -14.14 9.79
C GLN A 33 -8.46 -13.31 9.70
N TRP A 34 -7.95 -13.31 8.51
CA TRP A 34 -6.72 -12.74 8.03
C TRP A 34 -6.78 -11.68 6.97
N VAL A 35 -5.96 -10.67 7.20
CA VAL A 35 -5.70 -9.45 6.48
C VAL A 35 -4.20 -9.20 6.28
N VAL A 36 -3.88 -8.80 5.08
CA VAL A 36 -2.49 -8.49 4.67
C VAL A 36 -2.42 -6.96 4.52
N SER A 37 -1.35 -6.42 5.03
CA SER A 37 -1.08 -4.97 5.04
C SER A 37 0.43 -4.90 4.86
N ALA A 38 0.95 -3.70 5.09
CA ALA A 38 2.43 -3.52 4.98
C ALA A 38 2.93 -3.59 6.42
N ALA A 39 4.11 -4.11 6.60
CA ALA A 39 4.80 -4.29 7.83
C ALA A 39 5.11 -2.96 8.47
N HIS A 40 5.28 -1.91 7.66
CA HIS A 40 5.58 -0.58 8.16
C HIS A 40 4.33 -0.01 8.80
N CYS A 41 3.18 -0.67 8.62
CA CYS A 41 1.88 -0.20 9.17
C CYS A 41 1.51 -0.73 10.54
N TYR A 42 2.39 -1.47 11.15
CA TYR A 42 2.19 -2.05 12.46
C TYR A 42 2.12 -1.01 13.57
N LYS A 43 1.21 -1.18 14.44
CA LYS A 43 0.78 -0.51 15.62
C LYS A 43 0.02 -1.62 16.47
N SER A 44 -0.26 -1.16 17.63
CA SER A 44 -0.94 -1.81 18.76
C SER A 44 -2.39 -1.43 18.87
N GLY A 45 -3.26 -2.42 19.01
CA GLY A 45 -4.71 -2.17 19.18
C GLY A 45 -5.17 -1.53 17.88
N ILE A 46 -5.24 -2.39 16.90
CA ILE A 46 -5.66 -2.02 15.55
C ILE A 46 -7.09 -2.52 15.38
N GLN A 47 -7.93 -1.81 14.73
CA GLN A 47 -9.31 -2.19 14.44
C GLN A 47 -9.38 -2.30 12.89
N VAL A 48 -9.81 -3.44 12.44
CA VAL A 48 -9.97 -3.73 10.98
C VAL A 48 -11.38 -3.24 10.67
N ARG A 49 -11.54 -2.63 9.51
CA ARG A 49 -12.88 -2.02 9.16
C ARG A 49 -13.23 -2.52 7.78
N LEU A 50 -14.31 -3.31 7.87
CA LEU A 50 -14.84 -4.00 6.66
C LEU A 50 -16.20 -3.37 6.27
N GLY A 51 -16.36 -3.41 4.96
CA GLY A 51 -17.42 -2.98 4.11
C GLY A 51 -17.57 -1.48 4.04
N GLU A 52 -16.43 -0.86 4.13
CA GLU A 52 -16.22 0.60 4.11
C GLU A 52 -16.17 1.28 2.73
N ASP A 53 -16.88 2.40 2.72
CA ASP A 53 -17.00 3.33 1.59
C ASP A 53 -16.77 4.70 2.25
N ASN A 54 -17.79 5.27 2.91
CA ASN A 54 -17.50 6.58 3.56
C ASN A 54 -16.89 6.19 4.92
N ILE A 55 -15.61 6.40 5.09
CA ILE A 55 -14.98 6.09 6.35
C ILE A 55 -15.27 7.10 7.44
N ASN A 56 -16.20 8.00 7.23
CA ASN A 56 -16.53 8.99 8.28
C ASN A 56 -18.03 8.91 8.63
N VAL A 57 -18.80 8.07 7.91
CA VAL A 57 -20.20 7.90 8.17
C VAL A 57 -20.53 6.38 8.12
N VAL A 58 -21.26 5.95 9.12
CA VAL A 58 -21.69 4.54 9.20
C VAL A 58 -22.76 4.42 8.09
N GLU A 59 -22.43 3.62 7.09
CA GLU A 59 -23.35 3.42 5.98
C GLU A 59 -24.12 2.13 6.14
N GLY A 60 -23.75 1.10 6.87
CA GLY A 60 -24.55 -0.13 7.00
C GLY A 60 -23.96 -1.43 6.56
N ASN A 61 -22.86 -1.44 5.81
CA ASN A 61 -22.22 -2.66 5.31
C ASN A 61 -20.93 -2.95 6.04
N GLU A 62 -20.64 -2.09 6.99
CA GLU A 62 -19.42 -2.18 7.76
C GLU A 62 -19.43 -3.24 8.86
N GLN A 63 -18.20 -3.75 9.04
CA GLN A 63 -17.87 -4.75 10.01
C GLN A 63 -16.52 -4.17 10.55
N PHE A 64 -16.57 -3.75 11.75
CA PHE A 64 -15.44 -3.22 12.51
C PHE A 64 -14.90 -4.33 13.36
N ILE A 65 -13.78 -4.97 13.10
CA ILE A 65 -13.25 -6.05 13.94
C ILE A 65 -11.81 -5.88 14.35
N SER A 66 -11.54 -5.78 15.66
CA SER A 66 -10.24 -5.63 16.28
C SER A 66 -9.38 -6.87 16.06
N ALA A 67 -8.11 -6.69 15.94
CA ALA A 67 -7.09 -7.73 15.71
C ALA A 67 -6.81 -8.46 17.00
N SER A 68 -6.48 -9.74 16.89
CA SER A 68 -6.16 -10.50 18.15
C SER A 68 -4.66 -10.76 18.12
N LYS A 69 -4.05 -10.78 16.98
CA LYS A 69 -2.73 -11.03 16.58
C LYS A 69 -2.24 -10.38 15.29
N SER A 70 -1.02 -9.87 15.36
CA SER A 70 -0.35 -9.22 14.22
C SER A 70 1.05 -9.76 14.12
N ILE A 71 1.44 -10.22 12.95
CA ILE A 71 2.75 -10.81 12.66
C ILE A 71 3.53 -10.13 11.55
N VAL A 72 4.59 -9.49 11.82
CA VAL A 72 5.46 -8.80 10.81
C VAL A 72 6.43 -9.81 10.16
N HIS A 73 6.70 -9.72 8.89
CA HIS A 73 7.63 -10.67 8.23
C HIS A 73 8.92 -10.80 9.00
N PRO A 74 9.44 -11.99 9.16
CA PRO A 74 10.68 -12.15 9.90
C PRO A 74 11.80 -11.36 9.25
N SER A 75 11.86 -11.17 7.92
CA SER A 75 13.03 -10.39 7.36
C SER A 75 12.78 -8.98 6.85
N TYR A 76 11.78 -8.39 7.49
CA TYR A 76 11.30 -7.02 7.29
C TYR A 76 12.37 -6.05 7.72
N ASN A 77 12.74 -5.25 6.71
CA ASN A 77 13.86 -4.24 6.94
C ASN A 77 13.35 -2.83 6.94
N SER A 78 13.13 -2.33 8.18
CA SER A 78 12.64 -0.98 8.33
C SER A 78 13.59 -0.01 7.65
N ASN A 79 14.90 -0.35 7.50
CA ASN A 79 15.74 0.65 6.78
C ASN A 79 15.50 0.46 5.28
N THR A 80 15.26 -0.72 4.79
CA THR A 80 15.08 -0.63 3.28
C THR A 80 13.69 -0.93 2.88
N LEU A 81 12.76 -1.08 3.82
CA LEU A 81 11.39 -1.44 3.45
C LEU A 81 11.35 -2.78 2.76
N ASN A 82 12.48 -3.38 2.64
CA ASN A 82 12.42 -4.74 2.00
C ASN A 82 11.63 -5.62 3.03
N ASN A 83 10.89 -6.48 2.44
CA ASN A 83 9.97 -7.49 2.88
C ASN A 83 8.84 -6.77 3.67
N ASP A 84 8.24 -5.82 3.04
CA ASP A 84 7.18 -5.01 3.68
C ASP A 84 5.84 -5.74 3.64
N ILE A 85 5.72 -6.75 4.48
CA ILE A 85 4.52 -7.58 4.56
C ILE A 85 4.40 -7.93 6.06
N MET A 86 3.17 -7.90 6.50
CA MET A 86 2.53 -8.10 7.76
C MET A 86 1.23 -8.89 7.64
N LEU A 87 0.86 -9.70 8.53
CA LEU A 87 -0.43 -10.50 8.40
C LEU A 87 -1.21 -10.15 9.67
N ILE A 88 -2.47 -9.79 9.54
CA ILE A 88 -3.33 -9.40 10.71
C ILE A 88 -4.51 -10.37 10.87
N LYS A 89 -4.59 -10.83 12.12
CA LYS A 89 -5.62 -11.78 12.55
C LYS A 89 -6.77 -11.15 13.31
N LEU A 90 -7.96 -11.30 12.75
CA LEU A 90 -9.19 -10.76 13.31
C LEU A 90 -9.61 -11.57 14.54
N LYS A 91 -10.19 -10.83 15.51
CA LYS A 91 -10.69 -11.45 16.73
C LYS A 91 -11.84 -12.41 16.41
N SER A 92 -12.75 -12.09 15.55
CA SER A 92 -13.91 -12.71 15.05
C SER A 92 -13.84 -13.58 13.82
N ALA A 93 -14.52 -13.32 12.77
CA ALA A 93 -14.50 -14.07 11.47
C ALA A 93 -15.50 -13.14 10.72
N ALA A 94 -15.04 -12.61 9.66
CA ALA A 94 -15.86 -11.63 8.91
C ALA A 94 -16.87 -12.33 8.06
N SER A 95 -17.93 -11.53 7.79
CA SER A 95 -19.02 -12.15 6.98
C SER A 95 -18.88 -11.73 5.53
N LEU A 96 -18.52 -12.71 4.73
CA LEU A 96 -18.29 -12.70 3.30
C LEU A 96 -19.53 -12.74 2.37
N ASN A 97 -19.78 -11.60 1.75
CA ASN A 97 -20.83 -11.29 0.83
C ASN A 97 -20.58 -10.43 -0.40
N SER A 98 -21.65 -9.81 -0.87
CA SER A 98 -21.75 -8.94 -2.01
C SER A 98 -20.58 -7.93 -1.95
N ARG A 99 -20.68 -7.19 -0.84
CA ARG A 99 -19.65 -6.20 -0.63
C ARG A 99 -18.51 -6.62 0.28
N VAL A 100 -18.55 -7.75 0.95
CA VAL A 100 -17.39 -8.10 1.81
C VAL A 100 -16.83 -9.40 1.22
N ALA A 101 -15.78 -9.24 0.42
CA ALA A 101 -15.17 -10.39 -0.24
C ALA A 101 -13.66 -10.37 -0.18
N SER A 102 -13.08 -11.55 -0.03
CA SER A 102 -11.62 -11.68 0.06
C SER A 102 -10.93 -11.69 -1.29
N ILE A 103 -9.61 -11.48 -1.25
CA ILE A 103 -8.78 -11.46 -2.44
C ILE A 103 -8.01 -12.75 -2.67
N SER A 104 -7.76 -13.05 -3.97
CA SER A 104 -7.03 -14.27 -4.29
C SER A 104 -5.52 -14.01 -4.35
N LEU A 105 -4.84 -14.94 -3.75
CA LEU A 105 -3.40 -15.01 -3.65
C LEU A 105 -2.88 -15.43 -5.02
N PRO A 106 -1.76 -14.80 -5.35
CA PRO A 106 -1.09 -15.09 -6.67
C PRO A 106 -0.47 -16.48 -6.79
N THR A 107 -0.53 -16.98 -8.06
CA THR A 107 0.13 -18.29 -8.32
C THR A 107 1.33 -18.05 -9.28
N SER A 108 1.39 -16.94 -9.95
CA SER A 108 2.54 -16.65 -10.87
C SER A 108 2.69 -15.15 -10.84
N CYS A 109 3.91 -14.59 -11.09
CA CYS A 109 4.01 -13.13 -11.01
C CYS A 109 3.70 -12.45 -12.35
N ALA A 110 2.80 -11.50 -12.22
CA ALA A 110 2.32 -10.66 -13.28
C ALA A 110 3.53 -10.04 -13.96
N SER A 111 3.41 -9.88 -15.27
CA SER A 111 4.65 -9.29 -15.92
C SER A 111 4.45 -7.79 -16.11
N ALA A 112 5.57 -7.16 -16.38
CA ALA A 112 5.64 -5.74 -16.63
C ALA A 112 4.62 -5.51 -17.75
N GLY A 113 3.84 -4.48 -17.61
CA GLY A 113 2.84 -4.15 -18.62
C GLY A 113 1.45 -4.69 -18.36
N THR A 114 1.25 -5.27 -17.22
CA THR A 114 -0.06 -5.81 -16.83
C THR A 114 -0.78 -4.67 -16.13
N GLN A 115 -2.02 -4.50 -16.43
CA GLN A 115 -2.78 -3.42 -15.75
C GLN A 115 -3.32 -3.96 -14.44
N CYS A 116 -3.21 -3.22 -13.37
CA CYS A 116 -3.70 -3.52 -12.03
C CYS A 116 -4.55 -2.34 -11.50
N LEU A 117 -5.16 -2.69 -10.37
CA LEU A 117 -6.03 -1.67 -9.70
C LEU A 117 -5.45 -1.50 -8.31
N ILE A 118 -5.30 -0.27 -7.99
CA ILE A 118 -4.79 0.32 -6.77
C ILE A 118 -5.94 1.15 -6.18
N SER A 119 -5.92 1.20 -4.88
CA SER A 119 -7.00 2.02 -4.25
C SER A 119 -6.71 2.28 -2.79
N GLY A 120 -7.50 3.23 -2.26
CA GLY A 120 -7.42 3.66 -0.87
C GLY A 120 -8.09 4.98 -0.54
N TRP A 121 -7.90 5.38 0.72
CA TRP A 121 -8.40 6.59 1.35
C TRP A 121 -7.27 7.56 1.65
N GLY A 122 -6.13 7.39 1.03
CA GLY A 122 -4.98 8.26 1.22
C GLY A 122 -5.23 9.49 0.30
N ASN A 123 -4.41 10.46 0.47
CA ASN A 123 -4.27 11.76 -0.09
C ASN A 123 -4.53 11.80 -1.58
N THR A 124 -5.18 12.85 -2.10
CA THR A 124 -5.49 12.98 -3.51
C THR A 124 -4.65 14.03 -4.22
N LYS A 125 -3.88 14.82 -3.52
CA LYS A 125 -3.07 15.86 -4.16
C LYS A 125 -1.61 15.58 -3.92
N SER A 126 -0.77 15.49 -4.93
CA SER A 126 0.67 15.25 -4.74
C SER A 126 1.14 16.31 -3.67
N SER A 127 0.39 17.44 -3.77
CA SER A 127 0.62 18.61 -2.93
C SER A 127 -0.56 18.95 -2.02
N GLY A 128 -0.12 19.08 -0.78
CA GLY A 128 -0.92 19.39 0.38
C GLY A 128 -1.56 18.11 0.96
N THR A 129 -2.46 18.39 1.88
CA THR A 129 -3.22 17.43 2.66
C THR A 129 -4.65 17.50 2.16
N SER A 130 -5.26 16.48 1.65
CA SER A 130 -6.67 16.58 1.24
C SER A 130 -7.24 15.19 0.92
N TYR A 131 -7.45 14.52 1.99
CA TYR A 131 -7.92 13.22 2.36
C TYR A 131 -9.34 12.90 2.08
N PRO A 132 -9.61 12.03 1.13
CA PRO A 132 -11.02 11.70 0.81
C PRO A 132 -11.64 10.86 1.94
N ASP A 133 -12.98 10.94 2.07
CA ASP A 133 -13.69 10.17 3.08
C ASP A 133 -14.13 8.91 2.30
N VAL A 134 -14.11 9.06 0.99
CA VAL A 134 -14.47 8.04 0.03
C VAL A 134 -13.18 7.34 -0.48
N LEU A 135 -13.41 6.14 -0.91
CA LEU A 135 -12.44 5.21 -1.46
C LEU A 135 -12.23 5.55 -2.97
N LYS A 136 -11.00 5.94 -3.23
CA LYS A 136 -10.51 6.32 -4.53
C LYS A 136 -9.65 5.12 -5.00
N CYS A 137 -9.74 4.88 -6.31
CA CYS A 137 -9.13 3.87 -7.13
C CYS A 137 -8.19 4.42 -8.24
N LEU A 138 -7.37 3.49 -8.75
CA LEU A 138 -6.42 3.92 -9.88
C LEU A 138 -6.01 2.70 -10.65
N LYS A 139 -5.89 2.87 -11.98
CA LYS A 139 -5.43 1.77 -12.87
C LYS A 139 -4.04 2.09 -13.43
N ALA A 140 -3.03 1.30 -13.17
CA ALA A 140 -1.68 1.57 -13.66
C ALA A 140 -1.00 0.26 -13.91
N PRO A 141 -0.16 0.19 -14.91
CA PRO A 141 0.54 -1.03 -15.26
C PRO A 141 1.76 -1.17 -14.38
N ILE A 142 2.31 -2.36 -14.46
CA ILE A 142 3.48 -2.87 -13.84
C ILE A 142 4.63 -2.46 -14.79
N LEU A 143 5.54 -1.66 -14.25
CA LEU A 143 6.65 -1.24 -15.10
C LEU A 143 7.78 -2.27 -15.00
N SER A 144 8.72 -2.11 -15.90
CA SER A 144 9.92 -2.88 -16.00
C SER A 144 10.76 -2.58 -14.72
N ASP A 145 11.36 -3.63 -14.24
CA ASP A 145 12.25 -3.56 -13.06
C ASP A 145 13.46 -2.74 -13.52
N SER A 146 13.59 -2.72 -14.80
CA SER A 146 14.68 -2.03 -15.51
C SER A 146 14.45 -0.54 -15.33
N SER A 147 13.21 -0.15 -15.51
CA SER A 147 12.82 1.26 -15.35
C SER A 147 12.48 1.49 -13.88
N CYS A 148 12.16 0.42 -13.14
CA CYS A 148 11.92 0.70 -11.69
C CYS A 148 13.28 0.97 -11.07
N LYS A 149 14.26 0.27 -11.68
CA LYS A 149 15.68 0.31 -11.29
C LYS A 149 16.33 1.62 -11.65
N SER A 150 15.76 2.26 -12.65
CA SER A 150 16.34 3.60 -13.03
C SER A 150 15.73 4.69 -12.23
N ALA A 151 14.51 4.65 -11.77
CA ALA A 151 13.81 5.64 -11.00
C ALA A 151 14.33 5.99 -9.61
N TYR A 152 14.64 4.99 -8.89
CA TYR A 152 15.10 4.71 -7.61
C TYR A 152 16.30 3.77 -7.67
N PRO A 153 17.44 4.31 -8.04
CA PRO A 153 18.63 3.56 -8.12
C PRO A 153 19.11 3.12 -6.72
N GLY A 154 19.38 1.84 -6.78
CA GLY A 154 19.92 1.15 -5.64
C GLY A 154 18.94 0.87 -4.57
N GLN A 155 17.65 1.15 -4.85
CA GLN A 155 16.67 0.85 -3.76
C GLN A 155 15.77 -0.27 -4.10
N ILE A 156 15.66 -0.59 -5.38
CA ILE A 156 14.74 -1.68 -5.80
C ILE A 156 15.44 -2.97 -5.49
N THR A 157 14.87 -3.78 -4.65
CA THR A 157 15.30 -5.09 -4.20
C THR A 157 14.48 -6.05 -5.03
N SER A 158 14.75 -7.31 -4.92
CA SER A 158 14.06 -8.33 -5.70
C SER A 158 12.63 -8.61 -5.27
N ASN A 159 12.16 -8.04 -4.22
CA ASN A 159 10.86 -8.16 -3.59
C ASN A 159 9.99 -6.91 -3.71
N MET A 160 10.20 -6.17 -4.77
CA MET A 160 9.47 -4.95 -5.00
C MET A 160 9.15 -4.76 -6.46
N PHE A 161 8.24 -3.90 -6.78
CA PHE A 161 7.90 -3.62 -8.19
C PHE A 161 7.30 -2.20 -8.31
N CYS A 162 7.62 -1.56 -9.45
CA CYS A 162 7.05 -0.24 -9.66
C CYS A 162 5.86 -0.45 -10.64
N ALA A 163 4.77 0.22 -10.32
CA ALA A 163 3.53 0.27 -11.05
C ALA A 163 3.18 1.77 -11.08
N GLY A 164 2.85 2.25 -12.27
CA GLY A 164 2.52 3.63 -12.43
C GLY A 164 2.92 4.23 -13.76
N TYR A 165 3.16 5.48 -13.62
CA TYR A 165 3.52 6.44 -14.64
C TYR A 165 4.73 7.22 -14.21
N LEU A 166 5.69 7.12 -15.14
CA LEU A 166 7.03 7.77 -14.98
C LEU A 166 6.72 9.25 -15.12
N GLU A 167 5.52 9.49 -15.67
CA GLU A 167 5.01 10.81 -15.92
C GLU A 167 4.38 11.59 -14.79
N GLY A 168 3.73 10.89 -13.90
CA GLY A 168 3.06 11.36 -12.75
C GLY A 168 1.63 11.82 -13.05
N GLY A 169 1.06 12.27 -11.94
CA GLY A 169 -0.29 12.79 -11.92
C GLY A 169 -1.14 11.64 -11.34
N LYS A 170 -0.64 10.43 -11.60
CA LYS A 170 -1.40 9.29 -11.04
C LYS A 170 -0.51 8.42 -10.17
N ASP A 171 -1.03 8.29 -8.94
CA ASP A 171 -0.28 7.47 -7.95
C ASP A 171 -0.90 7.31 -6.58
N SER A 172 -0.28 6.37 -5.86
CA SER A 172 -0.72 6.08 -4.46
C SER A 172 -0.08 7.23 -3.67
N CYS A 173 -0.45 7.38 -2.44
CA CYS A 173 0.02 8.45 -1.56
C CYS A 173 -0.14 8.12 -0.12
N GLN A 174 0.24 8.96 0.82
CA GLN A 174 0.19 8.79 2.28
C GLN A 174 -1.20 8.49 2.82
N GLY A 175 -1.43 7.30 3.32
CA GLY A 175 -2.66 6.78 3.86
C GLY A 175 -3.14 5.56 3.02
N ASP A 176 -2.48 5.37 1.89
CA ASP A 176 -2.79 4.25 0.99
C ASP A 176 -2.05 2.99 1.40
N SER A 177 -0.93 3.08 2.03
CA SER A 177 -0.08 1.99 2.46
C SER A 177 -0.76 0.77 3.07
N GLY A 178 -0.24 -0.36 2.74
CA GLY A 178 -0.75 -1.64 3.21
C GLY A 178 -1.85 -2.09 2.23
N GLY A 179 -2.39 -1.13 1.51
CA GLY A 179 -3.45 -1.38 0.54
C GLY A 179 -3.16 -2.27 -0.64
N PRO A 180 -4.24 -2.84 -1.17
CA PRO A 180 -4.12 -3.74 -2.31
C PRO A 180 -3.73 -3.12 -3.64
N VAL A 181 -2.96 -3.87 -4.41
CA VAL A 181 -2.58 -3.55 -5.78
C VAL A 181 -3.14 -4.84 -6.46
N VAL A 182 -4.29 -4.86 -7.07
CA VAL A 182 -4.74 -6.21 -7.65
C VAL A 182 -4.57 -6.25 -9.16
N CYS A 183 -4.31 -7.41 -9.78
CA CYS A 183 -4.09 -7.50 -11.24
C CYS A 183 -4.56 -8.87 -11.74
N SER A 184 -5.41 -8.85 -12.70
CA SER A 184 -5.98 -10.12 -13.26
C SER A 184 -6.72 -10.87 -12.14
N GLY A 185 -7.29 -10.16 -11.17
CA GLY A 185 -8.06 -10.72 -10.05
C GLY A 185 -7.37 -11.42 -8.94
N LYS A 186 -6.04 -11.23 -8.80
CA LYS A 186 -5.25 -11.86 -7.71
C LYS A 186 -4.40 -10.73 -7.14
N LEU A 187 -4.16 -10.61 -5.89
CA LEU A 187 -3.35 -9.58 -5.25
C LEU A 187 -1.87 -9.73 -5.62
N GLN A 188 -1.23 -8.84 -6.27
CA GLN A 188 0.16 -8.90 -6.67
C GLN A 188 1.03 -7.91 -5.93
N GLY A 189 0.45 -6.88 -5.36
CA GLY A 189 1.21 -5.84 -4.62
C GLY A 189 0.54 -5.33 -3.36
N ILE A 190 1.39 -4.61 -2.58
CA ILE A 190 1.08 -3.93 -1.35
C ILE A 190 1.72 -2.53 -1.43
N VAL A 191 0.86 -1.53 -1.28
CA VAL A 191 1.29 -0.17 -1.32
C VAL A 191 2.30 -0.02 -0.17
N SER A 192 3.51 0.20 -0.66
CA SER A 192 4.73 0.39 0.10
C SER A 192 5.21 1.81 0.15
N TRP A 193 6.03 2.15 -0.78
CA TRP A 193 6.58 3.56 -0.79
C TRP A 193 6.63 4.13 -2.17
N GLY A 194 7.36 5.16 -2.28
CA GLY A 194 7.63 5.99 -3.48
C GLY A 194 8.38 7.20 -2.88
N SER A 195 8.64 8.12 -3.73
CA SER A 195 9.35 9.36 -3.41
C SER A 195 8.37 10.45 -3.84
N GLY A 196 7.50 10.76 -2.93
CA GLY A 196 6.42 11.76 -3.08
C GLY A 196 5.20 11.02 -3.59
N CYS A 197 4.36 11.79 -4.24
CA CYS A 197 3.10 11.18 -4.82
C CYS A 197 2.88 11.77 -6.21
N ALA A 198 2.87 10.95 -7.22
CA ALA A 198 2.64 11.29 -8.61
C ALA A 198 3.57 12.30 -9.24
N GLN A 199 4.79 12.26 -8.76
CA GLN A 199 5.96 13.04 -9.16
C GLN A 199 6.57 12.39 -10.42
N LYS A 200 7.12 13.15 -11.35
CA LYS A 200 7.68 12.43 -12.54
C LYS A 200 8.94 11.63 -12.25
N ASN A 201 9.04 10.45 -12.86
CA ASN A 201 10.16 9.54 -12.71
C ASN A 201 10.29 8.89 -11.36
N LYS A 202 9.31 9.10 -10.56
CA LYS A 202 9.03 8.67 -9.20
C LYS A 202 7.78 7.85 -9.05
N PRO A 203 7.60 6.80 -9.79
CA PRO A 203 6.40 5.94 -9.71
C PRO A 203 6.39 5.24 -8.36
N GLY A 204 5.26 4.68 -7.93
CA GLY A 204 5.05 3.98 -6.73
C GLY A 204 5.73 2.65 -6.59
N VAL A 205 6.17 2.44 -5.34
CA VAL A 205 6.82 1.12 -5.10
C VAL A 205 5.86 0.20 -4.32
N TYR A 206 5.79 -1.05 -4.86
CA TYR A 206 4.94 -2.07 -4.23
C TYR A 206 5.70 -3.32 -3.80
N THR A 207 5.13 -4.10 -2.92
CA THR A 207 5.60 -5.41 -2.43
C THR A 207 5.19 -6.54 -3.41
N LYS A 208 6.17 -7.33 -3.90
CA LYS A 208 5.85 -8.44 -4.82
C LYS A 208 5.30 -9.61 -3.98
N VAL A 209 4.06 -9.57 -3.64
CA VAL A 209 3.44 -10.67 -2.86
C VAL A 209 3.70 -12.06 -3.40
N CYS A 210 3.80 -12.25 -4.66
CA CYS A 210 4.08 -13.54 -5.32
C CYS A 210 5.30 -14.21 -4.66
N ASN A 211 6.12 -13.43 -4.00
CA ASN A 211 7.33 -13.93 -3.36
C ASN A 211 6.99 -14.39 -1.98
N TYR A 212 5.74 -14.08 -1.57
CA TYR A 212 5.38 -14.44 -0.19
C TYR A 212 4.28 -15.39 0.09
N VAL A 213 3.71 -15.93 -0.95
CA VAL A 213 2.60 -16.84 -0.82
C VAL A 213 2.80 -18.02 0.08
N SER A 214 4.00 -18.53 0.18
CA SER A 214 4.32 -19.70 1.02
C SER A 214 4.35 -19.23 2.50
N TRP A 215 5.02 -18.07 2.67
CA TRP A 215 5.10 -17.55 4.03
C TRP A 215 3.64 -17.37 4.53
N ILE A 216 2.81 -16.72 3.79
CA ILE A 216 1.44 -16.42 4.09
C ILE A 216 0.63 -17.67 4.44
N LYS A 217 0.69 -18.55 3.49
CA LYS A 217 0.05 -19.84 3.44
C LYS A 217 0.46 -20.60 4.69
N GLN A 218 1.73 -20.60 4.93
CA GLN A 218 2.33 -21.33 6.07
C GLN A 218 1.82 -20.94 7.44
N THR A 219 1.95 -19.63 7.60
CA THR A 219 1.66 -18.80 8.75
C THR A 219 0.19 -18.76 9.09
N ILE A 220 -0.58 -18.58 8.11
CA ILE A 220 -2.06 -18.53 8.21
C ILE A 220 -2.43 -19.92 8.67
N ALA A 221 -1.75 -20.94 8.17
CA ALA A 221 -2.07 -22.32 8.60
C ALA A 221 -1.55 -22.73 9.95
N SER A 222 -0.68 -21.99 10.66
CA SER A 222 -0.19 -22.39 11.98
C SER A 222 -0.64 -21.57 13.15
N ASN A 223 -1.19 -20.41 12.79
CA ASN A 223 -1.65 -19.46 13.86
C ASN A 223 -3.17 -19.15 13.78
N SER B 12 20.31 19.98 -14.21
CA SER B 12 19.48 19.43 -13.06
C SER B 12 18.47 18.47 -13.62
N GLU B 13 18.44 17.29 -13.03
CA GLU B 13 17.53 16.18 -13.42
C GLU B 13 16.20 16.40 -12.67
N SER B 14 16.09 15.55 -11.71
CA SER B 14 15.11 15.31 -10.67
C SER B 14 15.38 16.40 -9.62
N SER B 15 15.79 17.58 -10.09
CA SER B 15 16.06 18.63 -9.06
C SER B 15 17.16 18.11 -8.10
N LYS B 16 18.11 17.42 -8.72
CA LYS B 16 19.30 16.86 -8.08
C LYS B 16 19.24 16.59 -6.60
N PRO B 17 20.13 15.74 -6.10
CA PRO B 17 20.28 15.27 -4.75
C PRO B 17 20.05 16.16 -3.56
N CYS B 18 21.15 16.66 -2.96
CA CYS B 18 20.88 17.50 -1.72
C CYS B 18 19.37 17.25 -1.40
N CYS B 19 19.20 16.38 -0.40
CA CYS B 19 18.11 15.76 0.32
C CYS B 19 16.95 15.68 -0.70
N ASP B 20 17.47 15.13 -1.76
CA ASP B 20 16.69 14.82 -2.96
C ASP B 20 16.90 13.27 -3.05
N GLN B 21 16.35 12.84 -1.89
CA GLN B 21 16.22 11.49 -1.55
C GLN B 21 15.62 11.41 -0.16
N CYS B 22 14.33 11.72 -0.22
CA CYS B 22 13.47 11.62 0.95
C CYS B 22 12.28 10.78 0.33
N SER B 23 12.63 9.52 0.33
CA SER B 23 11.77 8.44 -0.11
C SER B 23 10.93 8.09 1.13
N CYS B 24 9.73 8.42 1.28
CA CYS B 24 8.84 8.11 2.39
C CYS B 24 7.95 6.92 2.05
N THR B 25 7.18 6.53 3.04
CA THR B 25 6.20 5.46 2.99
C THR B 25 4.84 6.17 2.83
N LYS B 26 3.82 5.45 2.52
CA LYS B 26 2.49 5.99 2.30
C LYS B 26 1.53 5.57 3.36
N SER B 27 2.11 5.72 4.56
CA SER B 27 1.36 5.39 5.83
C SER B 27 0.99 6.68 6.50
N MET B 28 0.18 6.71 7.52
CA MET B 28 -0.14 7.98 8.23
C MET B 28 0.20 7.95 9.68
N PRO B 29 1.23 8.63 10.10
CA PRO B 29 2.20 9.43 9.35
C PRO B 29 3.27 8.51 8.78
N PRO B 30 3.86 8.88 7.67
CA PRO B 30 4.89 8.11 7.05
C PRO B 30 6.19 8.01 7.85
N LYS B 31 7.05 7.24 7.23
CA LYS B 31 8.42 7.09 7.84
C LYS B 31 9.22 7.41 6.60
N CYS B 32 10.04 8.40 6.77
CA CYS B 32 10.88 8.87 5.69
C CYS B 32 12.36 8.76 6.00
N ARG B 33 13.03 8.33 4.91
CA ARG B 33 14.50 8.22 5.09
C ARG B 33 15.13 9.04 4.00
N CYS B 34 16.17 9.78 4.22
CA CYS B 34 16.85 10.54 3.17
C CYS B 34 17.97 9.58 2.69
N SER B 35 18.41 9.80 1.46
CA SER B 35 19.53 9.00 0.88
C SER B 35 20.76 9.91 1.04
N ASP B 36 20.97 10.81 0.16
CA ASP B 36 22.03 11.81 0.09
C ASP B 36 23.48 11.38 0.24
N ILE B 37 24.11 11.45 1.34
CA ILE B 37 25.60 11.07 1.37
C ILE B 37 26.49 12.30 1.49
N ARG B 38 27.66 12.32 2.10
CA ARG B 38 28.48 13.55 2.20
C ARG B 38 29.85 13.46 2.80
N ASN B 65 4.26 12.77 9.48
CA ASN B 65 5.21 13.90 9.24
C ASN B 65 6.41 13.38 8.41
N ASP B 66 7.35 14.13 8.03
CA ASP B 66 8.43 14.68 7.51
C ASP B 66 9.82 14.13 7.19
N PHE B 67 10.47 15.12 6.62
CA PHE B 67 11.61 15.62 6.07
C PHE B 67 11.33 16.13 4.62
N CYS B 68 12.40 16.49 4.01
CA CYS B 68 12.75 16.98 2.73
C CYS B 68 13.60 18.20 2.65
N TYR B 69 13.57 19.25 1.87
CA TYR B 69 14.54 20.32 1.76
C TYR B 69 15.13 21.08 2.91
N GLU B 70 16.44 20.84 2.95
CA GLU B 70 17.57 21.20 3.75
C GLU B 70 18.51 19.96 3.59
N PRO B 71 19.57 20.06 2.83
CA PRO B 71 20.11 21.17 2.12
C PRO B 71 20.09 21.63 0.69
N CYS B 72 21.24 21.64 0.09
CA CYS B 72 22.25 21.76 -0.77
C CYS B 72 23.46 22.70 -0.57
N LYS B 73 24.20 22.65 -1.66
CA LYS B 73 25.38 23.28 -2.10
C LYS B 73 25.46 23.00 -3.66
#